data_5K5J
#
_entry.id   5K5J
#
_cell.length_a   58.903
_cell.length_b   58.903
_cell.length_c   172.264
_cell.angle_alpha   90.00
_cell.angle_beta   90.00
_cell.angle_gamma   90.00
#
_symmetry.space_group_name_H-M   'P 41 21 2'
#
loop_
_entity.id
_entity.type
_entity.pdbx_description
1 polymer 'Transcriptional repressor CTCF'
2 polymer "DNA (5'-D(*CP*CP*CP*TP*GP*CP*TP*GP*GP*CP*AP*AP*C)-3')"
3 polymer "DNA (5'-D(*TP*TP*GP*CP*CP*AP*GP*CP*AP*GP*GP*GP*G)-3')"
4 non-polymer 'ZINC ION'
5 non-polymer 'SULFATE ION'
6 non-polymer 'ACETATE ION'
7 water water
#
loop_
_entity_poly.entity_id
_entity_poly.type
_entity_poly.pdbx_seq_one_letter_code
_entity_poly.pdbx_strand_id
1 'polypeptide(L)'
;GPLGSPFQCSLCSYASRDTYKLKRHMRTHSGEKPYECYICHARFTQSGTMKMHILQKHTENVAKFHCPHCDTVIARKSDL
GVHLRKQHSYIEQGKKCRYCDAVFHERYALIQHQKSH
;
A
2 'polydeoxyribonucleotide' (DC)(DC)(DC)(DT)(DG)(DC)(DT)(DG)(DG)(DC)(DA)(DA)(DC) B
3 'polydeoxyribonucleotide' (DT)(DT)(DG)(DC)(DC)(DA)(DG)(DC)(DA)(DG)(DG)(DG)(DG) C
#
loop_
_chem_comp.id
_chem_comp.type
_chem_comp.name
_chem_comp.formula
ACT non-polymer 'ACETATE ION' 'C2 H3 O2 -1'
DA DNA linking 2'-DEOXYADENOSINE-5'-MONOPHOSPHATE 'C10 H14 N5 O6 P'
DC DNA linking 2'-DEOXYCYTIDINE-5'-MONOPHOSPHATE 'C9 H14 N3 O7 P'
DG DNA linking 2'-DEOXYGUANOSINE-5'-MONOPHOSPHATE 'C10 H14 N5 O7 P'
DT DNA linking THYMIDINE-5'-MONOPHOSPHATE 'C10 H15 N2 O8 P'
SO4 non-polymer 'SULFATE ION' 'O4 S -2'
ZN non-polymer 'ZINC ION' 'Zn 2'
#
# COMPACT_ATOMS: atom_id res chain seq x y z
N GLY A 4 29.23 -2.41 1.09
CA GLY A 4 29.15 -1.29 0.17
C GLY A 4 28.43 -1.63 -1.12
N SER A 5 27.96 -0.60 -1.82
CA SER A 5 27.27 -0.75 -3.10
C SER A 5 27.90 0.18 -4.12
N PRO A 6 28.60 -0.35 -5.13
CA PRO A 6 29.41 0.52 -5.99
C PRO A 6 28.59 1.35 -6.98
N PHE A 7 27.40 0.90 -7.36
CA PHE A 7 26.63 1.58 -8.41
C PHE A 7 25.89 2.75 -7.80
N GLN A 8 26.44 3.96 -7.98
CA GLN A 8 25.92 5.17 -7.38
C GLN A 8 25.15 5.98 -8.42
N CYS A 9 23.91 6.33 -8.11
CA CYS A 9 23.10 7.13 -9.03
C CYS A 9 23.72 8.49 -9.25
N SER A 10 23.81 8.90 -10.51
CA SER A 10 24.43 10.16 -10.88
C SER A 10 23.56 11.37 -10.62
N LEU A 11 22.30 11.18 -10.20
CA LEU A 11 21.36 12.27 -10.00
C LEU A 11 20.94 12.45 -8.56
N CYS A 12 20.69 11.36 -7.83
CA CYS A 12 20.26 11.43 -6.44
C CYS A 12 21.19 10.59 -5.58
N SER A 13 20.82 10.35 -4.33
CA SER A 13 21.67 9.63 -3.39
C SER A 13 21.48 8.12 -3.43
N TYR A 14 20.67 7.60 -4.34
CA TYR A 14 20.44 6.16 -4.39
C TYR A 14 21.70 5.43 -4.86
N ALA A 15 21.88 4.21 -4.33
CA ALA A 15 22.98 3.35 -4.72
C ALA A 15 22.54 1.91 -4.62
N SER A 16 23.08 1.07 -5.51
CA SER A 16 22.70 -0.33 -5.56
C SER A 16 23.96 -1.18 -5.74
N ARG A 17 23.78 -2.49 -5.55
CA ARG A 17 24.89 -3.43 -5.65
C ARG A 17 25.06 -4.00 -7.06
N ASP A 18 24.02 -3.97 -7.88
CA ASP A 18 24.08 -4.49 -9.23
C ASP A 18 23.46 -3.49 -10.21
N THR A 19 23.79 -3.67 -11.49
CA THR A 19 23.39 -2.70 -12.51
C THR A 19 21.90 -2.75 -12.79
N TYR A 20 21.28 -3.92 -12.67
CA TYR A 20 19.85 -4.04 -12.97
C TYR A 20 19.02 -3.09 -12.12
N LYS A 21 19.29 -3.04 -10.82
CA LYS A 21 18.49 -2.20 -9.93
C LYS A 21 18.80 -0.72 -10.13
N LEU A 22 20.04 -0.38 -10.47
CA LEU A 22 20.33 1.01 -10.79
C LEU A 22 19.62 1.44 -12.06
N LYS A 23 19.59 0.56 -13.08
CA LYS A 23 18.82 0.85 -14.28
C LYS A 23 17.34 1.02 -13.96
N ARG A 24 16.79 0.13 -13.13
CA ARG A 24 15.38 0.24 -12.77
C ARG A 24 15.11 1.50 -11.97
N HIS A 25 16.04 1.90 -11.10
CA HIS A 25 15.89 3.15 -10.37
C HIS A 25 15.94 4.36 -11.30
N MET A 26 16.74 4.29 -12.36
CA MET A 26 16.86 5.41 -13.28
C MET A 26 15.54 5.72 -13.97
N ARG A 27 14.61 4.76 -14.04
CA ARG A 27 13.30 5.03 -14.60
C ARG A 27 12.52 6.05 -13.78
N THR A 28 12.85 6.18 -12.49
CA THR A 28 12.22 7.21 -11.67
C THR A 28 12.67 8.61 -12.07
N HIS A 29 13.82 8.73 -12.74
CA HIS A 29 14.32 10.02 -13.19
C HIS A 29 13.92 10.30 -14.64
N SER A 30 14.08 9.31 -15.52
CA SER A 30 13.76 9.48 -16.93
C SER A 30 12.27 9.38 -17.21
N GLY A 31 11.47 8.91 -16.26
CA GLY A 31 10.05 8.73 -16.51
C GLY A 31 9.73 7.69 -17.55
N GLU A 32 10.66 6.78 -17.84
CA GLU A 32 10.41 5.74 -18.82
C GLU A 32 9.44 4.70 -18.29
N LYS A 33 8.48 4.30 -19.13
CA LYS A 33 7.47 3.30 -18.79
C LYS A 33 7.55 2.17 -19.81
N PRO A 34 8.37 1.15 -19.56
CA PRO A 34 8.61 0.12 -20.60
C PRO A 34 7.44 -0.83 -20.82
N TYR A 35 6.55 -0.99 -19.85
CA TYR A 35 5.55 -2.05 -19.88
C TYR A 35 4.16 -1.46 -20.17
N GLU A 36 3.40 -2.17 -20.98
CA GLU A 36 2.10 -1.70 -21.45
C GLU A 36 1.05 -2.79 -21.26
N CYS A 37 -0.08 -2.43 -20.65
CA CYS A 37 -1.21 -3.35 -20.56
C CYS A 37 -1.76 -3.61 -21.96
N TYR A 38 -1.89 -4.88 -22.32
CA TYR A 38 -2.37 -5.21 -23.66
C TYR A 38 -3.87 -4.96 -23.83
N ILE A 39 -4.58 -4.59 -22.77
CA ILE A 39 -6.03 -4.41 -22.85
C ILE A 39 -6.38 -2.93 -22.93
N CYS A 40 -6.04 -2.16 -21.91
CA CYS A 40 -6.35 -0.74 -21.87
C CYS A 40 -5.19 0.14 -22.31
N HIS A 41 -4.02 -0.45 -22.59
CA HIS A 41 -2.85 0.24 -23.12
C HIS A 41 -2.29 1.29 -22.16
N ALA A 42 -2.55 1.14 -20.87
CA ALA A 42 -1.85 1.93 -19.87
C ALA A 42 -0.41 1.44 -19.73
N ARG A 43 0.45 2.31 -19.22
CA ARG A 43 1.88 2.04 -19.13
C ARG A 43 2.35 2.13 -17.69
N PHE A 44 3.41 1.37 -17.39
CA PHE A 44 3.89 1.22 -16.02
C PHE A 44 5.41 1.14 -16.01
N THR A 45 5.99 1.46 -14.85
CA THR A 45 7.44 1.46 -14.70
C THR A 45 8.02 0.06 -14.54
N GLN A 46 7.26 -0.86 -13.95
CA GLN A 46 7.74 -2.20 -13.67
C GLN A 46 6.73 -3.23 -14.15
N SER A 47 7.24 -4.42 -14.50
CA SER A 47 6.37 -5.48 -15.01
C SER A 47 5.41 -5.98 -13.93
N GLY A 48 5.89 -6.10 -12.69
CA GLY A 48 5.03 -6.56 -11.61
C GLY A 48 3.90 -5.61 -11.32
N THR A 49 4.13 -4.31 -11.49
CA THR A 49 3.04 -3.34 -11.35
C THR A 49 1.96 -3.57 -12.41
N MET A 50 2.38 -3.82 -13.66
CA MET A 50 1.43 -4.11 -14.72
C MET A 50 0.61 -5.36 -14.40
N LYS A 51 1.26 -6.40 -13.87
CA LYS A 51 0.55 -7.62 -13.52
C LYS A 51 -0.53 -7.37 -12.47
N MET A 52 -0.21 -6.58 -11.44
CA MET A 52 -1.21 -6.23 -10.44
C MET A 52 -2.34 -5.41 -11.05
N HIS A 53 -2.01 -4.51 -11.99
CA HIS A 53 -3.03 -3.73 -12.67
C HIS A 53 -4.01 -4.64 -13.42
N ILE A 54 -3.48 -5.62 -14.16
CA ILE A 54 -4.36 -6.52 -14.92
C ILE A 54 -5.18 -7.39 -13.98
N LEU A 55 -4.62 -7.75 -12.82
CA LEU A 55 -5.39 -8.55 -11.87
C LEU A 55 -6.53 -7.75 -11.24
N GLN A 56 -6.26 -6.49 -10.88
CA GLN A 56 -7.24 -5.70 -10.15
C GLN A 56 -8.24 -5.00 -11.06
N LYS A 57 -7.91 -4.78 -12.32
CA LYS A 57 -8.77 -4.01 -13.22
C LYS A 57 -9.41 -4.84 -14.33
N HIS A 58 -8.73 -5.87 -14.82
CA HIS A 58 -9.21 -6.63 -15.97
C HIS A 58 -9.50 -8.09 -15.69
N THR A 59 -9.38 -8.54 -14.43
CA THR A 59 -9.64 -9.93 -14.08
C THR A 59 -10.84 -10.00 -13.14
N GLU A 60 -11.71 -10.98 -13.38
CA GLU A 60 -12.89 -11.20 -12.57
C GLU A 60 -12.68 -12.44 -11.69
N ASN A 61 -13.58 -12.59 -10.71
CA ASN A 61 -13.52 -13.69 -9.75
C ASN A 61 -12.20 -13.71 -8.99
N VAL A 62 -11.73 -12.52 -8.62
CA VAL A 62 -10.48 -12.38 -7.88
C VAL A 62 -10.80 -12.36 -6.39
N ALA A 63 -10.11 -13.23 -5.64
CA ALA A 63 -10.35 -13.32 -4.21
C ALA A 63 -9.83 -12.07 -3.51
N LYS A 64 -10.56 -11.64 -2.49
CA LYS A 64 -10.21 -10.45 -1.74
C LYS A 64 -9.93 -10.83 -0.29
N PHE A 65 -9.43 -9.85 0.48
CA PHE A 65 -8.86 -10.09 1.80
C PHE A 65 -9.75 -9.47 2.86
N HIS A 66 -10.34 -10.33 3.69
CA HIS A 66 -11.19 -9.90 4.79
C HIS A 66 -10.33 -9.58 6.01
N CYS A 67 -10.61 -8.44 6.64
CA CYS A 67 -9.91 -8.10 7.87
C CYS A 67 -10.35 -9.08 8.97
N PRO A 68 -9.41 -9.63 9.74
CA PRO A 68 -9.80 -10.55 10.83
C PRO A 68 -10.44 -9.86 12.02
N HIS A 69 -10.46 -8.53 12.07
CA HIS A 69 -11.00 -7.81 13.22
C HIS A 69 -12.25 -7.00 12.91
N CYS A 70 -12.60 -6.83 11.63
CA CYS A 70 -13.85 -6.18 11.26
C CYS A 70 -14.31 -6.75 9.92
N ASP A 71 -15.46 -6.27 9.45
CA ASP A 71 -16.07 -6.79 8.24
C ASP A 71 -15.55 -6.12 6.97
N THR A 72 -14.54 -5.25 7.07
CA THR A 72 -14.02 -4.58 5.89
C THR A 72 -13.31 -5.56 4.97
N VAL A 73 -13.64 -5.51 3.68
CA VAL A 73 -13.00 -6.35 2.66
C VAL A 73 -12.14 -5.44 1.79
N ILE A 74 -10.90 -5.87 1.54
CA ILE A 74 -9.90 -5.04 0.87
C ILE A 74 -9.28 -5.83 -0.26
N ALA A 75 -9.04 -5.16 -1.39
CA ALA A 75 -8.65 -5.85 -2.62
C ALA A 75 -7.21 -6.37 -2.55
N ARG A 76 -6.29 -5.54 -2.08
CA ARG A 76 -4.87 -5.88 -2.04
C ARG A 76 -4.46 -6.26 -0.62
N LYS A 77 -3.61 -7.28 -0.51
CA LYS A 77 -3.14 -7.73 0.79
C LYS A 77 -2.35 -6.64 1.49
N SER A 78 -1.54 -5.89 0.74
CA SER A 78 -0.76 -4.82 1.35
C SER A 78 -1.66 -3.69 1.86
N ASP A 79 -2.78 -3.45 1.20
CA ASP A 79 -3.71 -2.43 1.69
C ASP A 79 -4.43 -2.90 2.95
N LEU A 80 -4.62 -4.21 3.11
CA LEU A 80 -5.09 -4.73 4.38
C LEU A 80 -4.08 -4.47 5.48
N GLY A 81 -2.79 -4.56 5.15
CA GLY A 81 -1.76 -4.21 6.12
C GLY A 81 -1.89 -2.77 6.60
N VAL A 82 -2.13 -1.85 5.67
CA VAL A 82 -2.31 -0.44 6.04
C VAL A 82 -3.54 -0.29 6.93
N HIS A 83 -4.64 -0.96 6.56
CA HIS A 83 -5.83 -0.99 7.42
C HIS A 83 -5.49 -1.53 8.80
N LEU A 84 -4.77 -2.66 8.86
CA LEU A 84 -4.41 -3.26 10.14
C LEU A 84 -3.56 -2.30 10.97
N ARG A 85 -2.58 -1.63 10.34
CA ARG A 85 -1.70 -0.75 11.08
C ARG A 85 -2.40 0.53 11.51
N LYS A 86 -3.45 0.94 10.80
CA LYS A 86 -4.15 2.17 11.12
C LYS A 86 -5.31 1.96 12.10
N GLN A 87 -6.08 0.89 11.91
CA GLN A 87 -7.31 0.69 12.67
C GLN A 87 -7.18 -0.25 13.84
N HIS A 88 -6.29 -1.23 13.77
CA HIS A 88 -6.23 -2.30 14.76
C HIS A 88 -4.85 -2.39 15.40
N SER A 89 -4.22 -1.25 15.66
CA SER A 89 -2.89 -1.20 16.26
C SER A 89 -2.96 -0.46 17.58
N TYR A 90 -2.19 -0.94 18.55
CA TYR A 90 -2.22 -0.38 19.91
C TYR A 90 -1.77 1.08 19.90
N ILE A 91 -2.54 1.93 20.56
CA ILE A 91 -2.23 3.35 20.71
C ILE A 91 -1.98 3.56 22.20
N GLU A 92 -0.70 3.52 22.60
CA GLU A 92 -0.37 3.56 24.03
C GLU A 92 -0.94 4.78 24.72
N GLN A 93 -0.91 5.93 24.04
CA GLN A 93 -1.42 7.17 24.64
C GLN A 93 -2.94 7.22 24.66
N GLY A 94 -3.62 6.35 23.91
CA GLY A 94 -5.07 6.28 23.95
C GLY A 94 -5.73 7.40 23.17
N LYS A 95 -7.03 7.21 22.92
CA LYS A 95 -7.85 8.18 22.23
C LYS A 95 -9.18 8.33 22.96
N LYS A 96 -9.55 9.55 23.29
CA LYS A 96 -10.80 9.82 24.00
C LYS A 96 -11.93 10.04 23.01
N CYS A 97 -13.08 9.44 23.31
CA CYS A 97 -14.30 9.75 22.57
C CYS A 97 -14.56 11.25 22.59
N ARG A 98 -14.98 11.79 21.45
CA ARG A 98 -15.26 13.22 21.36
C ARG A 98 -16.60 13.59 21.95
N TYR A 99 -17.37 12.63 22.47
CA TYR A 99 -18.66 12.90 23.08
C TYR A 99 -18.75 12.50 24.54
N CYS A 100 -17.83 11.70 25.05
CA CYS A 100 -17.79 11.32 26.46
C CYS A 100 -16.34 11.09 26.87
N ASP A 101 -16.14 10.62 28.09
CA ASP A 101 -14.79 10.48 28.64
C ASP A 101 -14.19 9.08 28.43
N ALA A 102 -14.83 8.24 27.62
CA ALA A 102 -14.29 6.90 27.39
C ALA A 102 -13.04 6.98 26.52
N VAL A 103 -12.03 6.18 26.89
CA VAL A 103 -10.75 6.15 26.19
C VAL A 103 -10.55 4.76 25.61
N PHE A 104 -10.03 4.72 24.39
CA PHE A 104 -9.76 3.46 23.70
C PHE A 104 -8.32 3.47 23.19
N HIS A 105 -7.80 2.28 22.91
CA HIS A 105 -6.39 2.12 22.55
C HIS A 105 -6.21 1.53 21.15
N GLU A 106 -7.29 1.37 20.39
CA GLU A 106 -7.21 1.07 18.96
C GLU A 106 -8.28 1.89 18.26
N ARG A 107 -7.93 2.39 17.06
CA ARG A 107 -8.78 3.37 16.39
C ARG A 107 -10.13 2.79 16.03
N TYR A 108 -10.17 1.52 15.63
CA TYR A 108 -11.45 0.89 15.31
C TYR A 108 -12.39 0.92 16.50
N ALA A 109 -11.88 0.62 17.70
CA ALA A 109 -12.70 0.69 18.90
C ALA A 109 -13.24 2.10 19.11
N LEU A 110 -12.37 3.11 18.96
CA LEU A 110 -12.79 4.50 19.12
C LEU A 110 -13.93 4.85 18.16
N ILE A 111 -13.78 4.49 16.88
CA ILE A 111 -14.76 4.89 15.87
C ILE A 111 -16.07 4.14 16.07
N GLN A 112 -16.00 2.87 16.47
CA GLN A 112 -17.22 2.11 16.69
C GLN A 112 -17.98 2.63 17.90
N HIS A 113 -17.27 3.00 18.97
CA HIS A 113 -17.92 3.56 20.15
C HIS A 113 -18.58 4.89 19.84
N GLN A 114 -17.84 5.78 19.15
CA GLN A 114 -18.39 7.09 18.81
C GLN A 114 -19.69 6.98 18.04
N LYS A 115 -19.82 5.95 17.20
CA LYS A 115 -21.06 5.74 16.45
C LYS A 115 -22.24 5.41 17.35
N SER A 116 -21.99 4.87 18.55
CA SER A 116 -23.09 4.54 19.45
C SER A 116 -23.77 5.77 20.01
N HIS A 117 -23.12 6.92 19.97
CA HIS A 117 -23.74 8.17 20.39
C HIS A 117 -24.71 8.67 19.32
ZN ZN D . 18.62 8.59 -8.51
ZN ZN E . -5.13 -2.36 -18.34
ZN ZN F . -10.47 -4.16 10.25
ZN ZN G . -18.38 8.21 24.00
S SO4 H . 11.25 -4.68 -13.96
O1 SO4 H . 9.94 -5.22 -14.33
O2 SO4 H . 11.08 -3.51 -13.12
O3 SO4 H . 11.99 -4.32 -15.16
O4 SO4 H . 11.99 -5.69 -13.21
C ACT I . -11.99 10.97 14.46
O ACT I . -11.88 11.03 13.22
OXT ACT I . -10.97 10.56 15.08
CH3 ACT I . -13.24 11.38 15.17
#